data_9IYY
#
_entry.id   9IYY
#
_cell.length_a   1.00
_cell.length_b   1.00
_cell.length_c   1.00
_cell.angle_alpha   90.00
_cell.angle_beta   90.00
_cell.angle_gamma   90.00
#
_symmetry.space_group_name_H-M   'P 1'
#
loop_
_entity.id
_entity.type
_entity.pdbx_description
1 polymer 'Large envelope protein'
2 polymer 'heavy chain of antibody H006 Fab'
3 polymer 'light chain of antibody H006 Fab'
#
loop_
_entity_poly.entity_id
_entity_poly.type
_entity_poly.pdbx_seq_one_letter_code
_entity_poly.pdbx_strand_id
1 'polypeptide(L)'
;MENITSGFLGPLLVLQAGFFLLTRILTIPQSLDSWWTSLNFLGGTTVCLGQNSQSPTSNHSPTSCPPTCPGYRWMCLRRF
IIFLFILLLCLIFLLVLLDYQGMLPVCPLIPGSSTTSTGPCRTCMTTAQGTSMYPSCCCTKPSDGNCTCIPIPSSWAFGK
FLWEWASARFSWLSLLVPFVQWFVGLSPTVWLSVIWMMWYWGPSLYSILSPFLPLLPIFFCLWVYI
;
B,A
2 'polypeptide(L)'
;QMRLVESGGGCVRPGGSLRLSCAGSGFRFTGYGIHWVRQAPGKGLEWLAYISNDGSKKYHTDSVKGRFTVSRDNAKNTAY
LQMNSLRVEETAVYFCAKDGYLSAARGYGMDVWGQGICVTVSPSASTKGPSVFPLAPSSKSTSGGTAALGCLVKDYFCEC
PVTVSWNSGALTSGVHTFPAVLQSSGLYSLSSVVTVPSSSLGTQTYICNVNHKPSNTKVDKRV
;
H
3 'polypeptide(L)'
;SYVLTQPPSVSVAPGQTATITCGGNNIGGKSVHWFQQKCGQAPLLIISDDNDRPSGIPERVSGSNSGNTATLTISRVECG
DEADYYCQVWDTTSDQLVFGGGTMLTVLRTVAAPSVFIFPPSDEQLKSGTASVVCLLNNFYPREAKVQWKVDNALQSGNS
QESVTCQDSKDCTYSLSSTLTLSKADYEKHKVYACEVTHQGLSSPVTKSFNRGEC
;
L
#
# COMPACT_ATOMS: atom_id res chain seq x y z
N LEU A 95 -34.21 -14.61 4.27
CA LEU A 95 -33.18 -13.86 3.57
C LEU A 95 -33.01 -12.48 4.19
N VAL A 96 -33.98 -12.08 5.01
CA VAL A 96 -33.85 -10.86 5.80
C VAL A 96 -33.28 -11.19 7.18
N LEU A 97 -33.64 -12.33 7.74
CA LEU A 97 -33.02 -12.79 8.97
C LEU A 97 -31.63 -13.33 8.75
N LEU A 98 -31.35 -13.88 7.56
CA LEU A 98 -30.03 -14.45 7.30
C LEU A 98 -28.96 -13.38 7.31
N ASP A 99 -29.17 -12.27 6.59
CA ASP A 99 -28.15 -11.24 6.57
C ASP A 99 -28.08 -10.44 7.86
N TYR A 100 -29.08 -10.56 8.73
CA TYR A 100 -28.92 -10.05 10.09
C TYR A 100 -27.84 -10.82 10.83
N GLN A 101 -27.80 -12.13 10.65
CA GLN A 101 -26.74 -12.96 11.19
C GLN A 101 -25.44 -12.83 10.42
N GLY A 102 -25.45 -12.09 9.31
CA GLY A 102 -24.28 -11.99 8.46
C GLY A 102 -24.04 -13.20 7.59
N MET A 103 -25.05 -14.03 7.36
CA MET A 103 -24.89 -15.24 6.58
C MET A 103 -24.92 -14.99 5.08
N LEU A 104 -25.21 -13.76 4.63
CA LEU A 104 -25.15 -13.44 3.22
C LEU A 104 -23.90 -12.61 2.98
N PRO A 105 -22.85 -13.17 2.38
CA PRO A 105 -21.57 -12.46 2.22
C PRO A 105 -21.54 -11.57 0.99
N VAL A 106 -22.42 -10.58 0.96
CA VAL A 106 -22.50 -9.68 -0.19
C VAL A 106 -21.35 -8.69 -0.10
N CYS A 107 -20.60 -8.57 -1.20
CA CYS A 107 -19.39 -7.76 -1.20
C CYS A 107 -19.72 -6.28 -1.13
N PRO A 108 -19.15 -5.54 -0.19
CA PRO A 108 -19.29 -4.08 -0.22
C PRO A 108 -18.62 -3.51 -1.46
N LEU A 109 -19.20 -2.43 -1.98
CA LEU A 109 -18.63 -1.76 -3.13
C LEU A 109 -17.45 -0.90 -2.71
N ILE A 110 -16.40 -0.92 -3.51
CA ILE A 110 -15.24 -0.04 -3.31
C ILE A 110 -15.53 1.27 -4.03
N PRO A 111 -15.64 2.39 -3.30
CA PRO A 111 -16.04 3.65 -3.97
C PRO A 111 -15.11 4.08 -5.08
N GLY A 112 -13.80 3.85 -4.93
CA GLY A 112 -12.84 4.31 -5.91
C GLY A 112 -12.65 5.82 -5.97
N SER A 113 -13.46 6.58 -5.25
CA SER A 113 -13.28 8.02 -5.15
C SER A 113 -13.54 8.57 -3.76
N SER A 114 -13.83 7.74 -2.78
CA SER A 114 -14.07 8.18 -1.42
C SER A 114 -13.43 7.18 -0.45
N THR A 115 -12.79 7.71 0.59
CA THR A 115 -12.03 6.88 1.52
C THR A 115 -12.89 5.81 2.15
N THR A 116 -12.34 4.61 2.29
CA THR A 116 -13.04 3.45 2.82
C THR A 116 -12.11 2.72 3.76
N SER A 117 -12.49 1.50 4.14
CA SER A 117 -11.68 0.64 4.99
C SER A 117 -11.03 -0.48 4.18
N THR A 118 -10.59 -0.16 2.97
CA THR A 118 -9.95 -1.14 2.11
C THR A 118 -8.50 -1.34 2.52
N GLY A 119 -7.87 -2.35 1.92
CA GLY A 119 -6.50 -2.68 2.23
C GLY A 119 -6.04 -3.91 1.47
N PRO A 120 -4.94 -4.50 1.91
CA PRO A 120 -4.44 -5.71 1.25
C PRO A 120 -5.06 -6.98 1.81
N CYS A 121 -4.64 -8.14 1.29
CA CYS A 121 -5.17 -9.41 1.78
C CYS A 121 -4.84 -9.63 3.25
N ARG A 122 -3.60 -9.31 3.64
CA ARG A 122 -3.14 -9.62 5.00
C ARG A 122 -3.98 -8.92 6.05
N THR A 123 -4.33 -7.66 5.81
CA THR A 123 -5.07 -6.87 6.79
C THR A 123 -6.54 -7.25 6.89
N CYS A 124 -7.05 -8.09 5.99
CA CYS A 124 -8.43 -8.55 6.09
C CYS A 124 -8.68 -9.29 7.40
N MET A 125 -7.73 -10.14 7.80
CA MET A 125 -7.87 -10.91 9.03
C MET A 125 -7.96 -10.02 10.26
N THR A 126 -7.27 -8.88 10.26
CA THR A 126 -7.31 -7.97 11.38
C THR A 126 -7.87 -6.60 10.96
N PRO A 135 -14.74 -16.27 1.95
CA PRO A 135 -15.60 -15.07 1.97
C PRO A 135 -15.19 -14.08 3.04
N SER A 136 -13.92 -14.12 3.45
CA SER A 136 -13.46 -13.21 4.51
C SER A 136 -13.50 -11.77 4.06
N CYS A 137 -13.10 -11.49 2.81
CA CYS A 137 -13.15 -10.15 2.27
C CYS A 137 -13.16 -10.23 0.75
N CYS A 138 -13.57 -9.15 0.12
CA CYS A 138 -13.70 -9.08 -1.33
C CYS A 138 -12.61 -8.17 -1.89
N CYS A 139 -11.93 -8.64 -2.94
CA CYS A 139 -10.73 -7.97 -3.42
C CYS A 139 -10.87 -7.65 -4.91
N THR A 140 -10.23 -6.55 -5.31
CA THR A 140 -10.15 -6.13 -6.70
C THR A 140 -8.69 -5.89 -7.06
N LYS A 141 -8.37 -6.03 -8.34
CA LYS A 141 -7.03 -5.70 -8.85
C LYS A 141 -7.21 -4.58 -9.87
N PRO A 142 -7.15 -3.33 -9.45
CA PRO A 142 -7.25 -2.22 -10.40
C PRO A 142 -6.08 -2.24 -11.37
N SER A 143 -6.31 -1.68 -12.55
CA SER A 143 -5.26 -1.65 -13.56
C SER A 143 -4.07 -0.80 -13.12
N ASP A 144 -4.22 0.01 -12.09
CA ASP A 144 -3.18 0.89 -11.58
C ASP A 144 -3.07 0.78 -10.07
N GLY A 145 -3.06 -0.45 -9.56
CA GLY A 145 -2.97 -0.64 -8.12
C GLY A 145 -2.79 -2.09 -7.77
N ASN A 146 -2.59 -2.33 -6.48
CA ASN A 146 -2.42 -3.68 -5.95
C ASN A 146 -3.79 -4.26 -5.60
N CYS A 147 -3.80 -5.47 -5.05
CA CYS A 147 -5.05 -6.12 -4.65
C CYS A 147 -5.65 -5.33 -3.50
N THR A 148 -6.69 -4.55 -3.79
CA THR A 148 -7.40 -3.77 -2.80
C THR A 148 -8.54 -4.61 -2.24
N CYS A 149 -8.50 -4.91 -0.95
CA CYS A 149 -9.43 -5.82 -0.32
C CYS A 149 -10.24 -5.07 0.73
N ILE A 150 -11.56 -5.23 0.69
CA ILE A 150 -12.46 -4.63 1.66
C ILE A 150 -13.26 -5.76 2.30
N PRO A 151 -13.37 -5.81 3.63
CA PRO A 151 -14.07 -6.93 4.26
C PRO A 151 -15.58 -6.80 4.16
N ILE A 152 -16.24 -7.95 4.06
CA ILE A 152 -17.71 -7.96 4.07
C ILE A 152 -18.19 -7.56 5.46
N PRO A 153 -19.31 -6.84 5.58
CA PRO A 153 -19.80 -6.48 6.91
C PRO A 153 -20.17 -7.72 7.71
N SER A 154 -19.98 -7.63 9.03
CA SER A 154 -20.31 -8.76 9.90
C SER A 154 -21.81 -8.93 10.08
N SER A 155 -22.61 -7.94 9.68
CA SER A 155 -24.06 -8.02 9.82
C SER A 155 -24.69 -7.05 8.83
N TRP A 156 -25.86 -7.42 8.32
CA TRP A 156 -26.59 -6.62 7.33
C TRP A 156 -25.74 -6.33 6.10
N ALA A 157 -24.98 -7.33 5.66
CA ALA A 157 -24.12 -7.15 4.50
C ALA A 157 -24.94 -6.85 3.24
N PHE A 158 -26.03 -7.60 3.03
CA PHE A 158 -26.89 -7.36 1.89
C PHE A 158 -27.59 -6.01 1.99
N GLY A 159 -28.11 -5.69 3.17
CA GLY A 159 -28.77 -4.40 3.33
C GLY A 159 -27.82 -3.24 3.15
N LYS A 160 -26.61 -3.35 3.70
CA LYS A 160 -25.61 -2.29 3.52
C LYS A 160 -25.19 -2.17 2.06
N PHE A 161 -25.08 -3.30 1.35
CA PHE A 161 -24.77 -3.23 -0.07
C PHE A 161 -25.87 -2.52 -0.86
N LEU A 162 -27.12 -2.83 -0.56
CA LEU A 162 -28.22 -2.22 -1.31
C LEU A 162 -28.32 -0.71 -1.08
N TRP A 163 -27.64 -0.17 -0.07
CA TRP A 163 -27.64 1.26 0.16
C TRP A 163 -26.32 1.89 -0.28
N LEU B 95 -34.93 -7.38 -8.17
CA LEU B 95 -33.88 -7.96 -7.34
C LEU B 95 -33.29 -9.20 -8.00
N VAL B 96 -34.13 -9.94 -8.72
CA VAL B 96 -33.63 -11.06 -9.50
C VAL B 96 -33.15 -10.59 -10.87
N LEU B 97 -33.80 -9.58 -11.45
CA LEU B 97 -33.25 -8.93 -12.63
C LEU B 97 -31.94 -8.24 -12.29
N LEU B 98 -31.88 -7.59 -11.13
CA LEU B 98 -30.61 -7.07 -10.60
C LEU B 98 -29.61 -8.18 -10.36
N ASP B 99 -30.07 -9.43 -10.25
CA ASP B 99 -29.21 -10.58 -10.00
C ASP B 99 -28.75 -11.25 -11.28
N TYR B 100 -29.66 -11.46 -12.24
CA TYR B 100 -29.27 -12.10 -13.50
C TYR B 100 -28.26 -11.25 -14.25
N GLN B 101 -28.27 -9.94 -14.06
CA GLN B 101 -27.24 -9.07 -14.61
C GLN B 101 -25.94 -9.14 -13.81
N GLY B 102 -25.93 -9.85 -12.69
CA GLY B 102 -24.74 -9.99 -11.89
C GLY B 102 -24.25 -8.70 -11.27
N MET B 103 -25.17 -7.85 -10.83
CA MET B 103 -24.83 -6.55 -10.26
C MET B 103 -24.90 -6.55 -8.74
N LEU B 104 -24.94 -7.72 -8.12
CA LEU B 104 -24.79 -7.84 -6.67
C LEU B 104 -23.78 -8.95 -6.39
N PRO B 105 -22.62 -8.65 -5.84
CA PRO B 105 -21.60 -9.68 -5.64
C PRO B 105 -21.74 -10.42 -4.33
N VAL B 106 -21.89 -11.74 -4.40
CA VAL B 106 -22.00 -12.59 -3.21
C VAL B 106 -20.89 -13.62 -3.27
N CYS B 107 -20.12 -13.72 -2.20
CA CYS B 107 -18.99 -14.65 -2.17
C CYS B 107 -19.50 -16.08 -2.11
N PRO B 108 -19.05 -16.96 -3.01
CA PRO B 108 -19.47 -18.36 -2.94
C PRO B 108 -19.03 -18.99 -1.62
N LEU B 109 -19.92 -19.81 -1.07
CA LEU B 109 -19.66 -20.46 0.22
C LEU B 109 -20.65 -21.59 0.46
N GLY B 119 -4.11 -16.63 -5.44
CA GLY B 119 -5.04 -16.40 -6.52
C GLY B 119 -4.94 -15.00 -7.11
N PRO B 120 -4.94 -14.92 -8.44
CA PRO B 120 -4.86 -13.61 -9.11
C PRO B 120 -6.15 -12.82 -8.89
N CYS B 121 -6.01 -11.65 -8.29
CA CYS B 121 -7.18 -10.79 -8.04
C CYS B 121 -7.74 -10.27 -9.36
N ARG B 122 -9.06 -10.26 -9.45
CA ARG B 122 -9.78 -9.74 -10.62
C ARG B 122 -9.28 -10.32 -11.94
N SER B 132 -18.34 3.71 -7.74
CA SER B 132 -18.06 2.50 -6.98
C SER B 132 -17.73 1.33 -7.90
N MET B 133 -16.78 0.51 -7.50
CA MET B 133 -16.28 -0.60 -8.31
C MET B 133 -16.64 -1.92 -7.67
N TYR B 134 -17.24 -2.81 -8.44
CA TYR B 134 -17.64 -4.12 -7.94
C TYR B 134 -16.41 -4.99 -7.69
N PRO B 135 -16.20 -5.50 -6.49
CA PRO B 135 -15.13 -6.49 -6.29
C PRO B 135 -15.38 -7.73 -7.11
N SER B 136 -14.31 -8.32 -7.62
CA SER B 136 -14.39 -9.43 -8.56
C SER B 136 -13.93 -10.76 -7.97
N CYS B 137 -13.47 -10.76 -6.72
CA CYS B 137 -12.99 -12.00 -6.11
C CYS B 137 -13.27 -11.94 -4.61
N CYS B 138 -13.32 -13.12 -4.00
CA CYS B 138 -13.44 -13.24 -2.55
C CYS B 138 -12.33 -14.15 -2.05
N CYS B 139 -11.56 -13.67 -1.07
CA CYS B 139 -10.37 -14.36 -0.62
C CYS B 139 -10.51 -14.78 0.83
N THR B 140 -9.68 -15.75 1.22
CA THR B 140 -9.72 -16.28 2.58
C THR B 140 -8.50 -15.84 3.39
N GLY B 145 0.41 -18.14 3.88
CA GLY B 145 0.39 -18.51 2.48
C GLY B 145 0.00 -17.37 1.58
N ASN B 146 -0.24 -17.68 0.30
CA ASN B 146 -0.60 -16.67 -0.67
C ASN B 146 -2.06 -16.24 -0.49
N CYS B 147 -2.45 -15.25 -1.27
CA CYS B 147 -3.82 -14.74 -1.26
C CYS B 147 -4.62 -15.50 -2.30
N THR B 148 -5.37 -16.51 -1.85
CA THR B 148 -6.18 -17.34 -2.73
C THR B 148 -7.59 -16.77 -2.80
N CYS B 149 -8.05 -16.45 -4.01
CA CYS B 149 -9.32 -15.76 -4.21
C CYS B 149 -10.17 -16.52 -5.22
N ILE B 150 -11.40 -16.84 -4.81
CA ILE B 150 -12.38 -17.47 -5.70
C ILE B 150 -13.11 -16.36 -6.45
N PRO B 151 -13.22 -16.44 -7.77
CA PRO B 151 -13.95 -15.40 -8.51
C PRO B 151 -15.44 -15.46 -8.21
N ILE B 152 -16.09 -14.31 -8.34
CA ILE B 152 -17.54 -14.19 -8.17
C ILE B 152 -18.19 -14.48 -9.52
N PRO B 153 -19.24 -15.31 -9.57
CA PRO B 153 -19.87 -15.63 -10.85
C PRO B 153 -20.37 -14.38 -11.57
N SER B 154 -20.27 -14.41 -12.90
CA SER B 154 -20.63 -13.25 -13.69
C SER B 154 -22.12 -12.91 -13.55
N SER B 155 -22.98 -13.92 -13.56
CA SER B 155 -24.41 -13.73 -13.46
C SER B 155 -24.98 -14.67 -12.41
N TRP B 156 -26.03 -14.22 -11.73
CA TRP B 156 -26.72 -15.00 -10.72
C TRP B 156 -25.76 -15.44 -9.61
N ALA B 157 -25.02 -14.47 -9.08
CA ALA B 157 -24.12 -14.76 -7.96
C ALA B 157 -24.90 -15.15 -6.72
N PHE B 158 -25.94 -14.38 -6.40
CA PHE B 158 -26.76 -14.68 -5.23
C PHE B 158 -27.49 -16.00 -5.39
N GLY B 159 -28.01 -16.26 -6.59
CA GLY B 159 -28.72 -17.53 -6.81
C GLY B 159 -27.82 -18.73 -6.65
N LYS B 160 -26.62 -18.67 -7.22
CA LYS B 160 -25.68 -19.78 -7.08
C LYS B 160 -25.23 -19.93 -5.63
N PHE B 161 -25.01 -18.81 -4.93
CA PHE B 161 -24.63 -18.90 -3.52
C PHE B 161 -25.73 -19.56 -2.70
N LEU B 162 -26.99 -19.21 -2.95
CA LEU B 162 -28.08 -19.83 -2.21
C LEU B 162 -28.23 -21.30 -2.58
N TRP B 163 -28.00 -21.64 -3.85
CA TRP B 163 -28.08 -23.03 -4.27
C TRP B 163 -27.02 -23.88 -3.58
N GLU B 164 -25.80 -23.36 -3.45
CA GLU B 164 -24.74 -24.09 -2.77
C GLU B 164 -24.89 -24.07 -1.25
N TRP B 165 -25.46 -23.00 -0.71
CA TRP B 165 -25.63 -22.88 0.74
C TRP B 165 -26.56 -23.96 1.27
N ALA B 166 -27.63 -24.28 0.53
CA ALA B 166 -28.54 -25.33 0.93
C ALA B 166 -28.09 -26.71 0.52
N SER B 167 -27.03 -26.82 -0.28
CA SER B 167 -26.54 -28.12 -0.74
C SER B 167 -25.22 -28.47 -0.05
N GLN C 1 3.24 5.33 -18.42
CA GLN C 1 2.65 4.57 -17.31
C GLN C 1 2.47 5.47 -16.09
N MET C 2 2.27 4.86 -14.93
CA MET C 2 2.09 5.60 -13.70
C MET C 2 3.38 6.31 -13.33
N ARG C 3 3.31 7.61 -13.09
CA ARG C 3 4.49 8.41 -12.87
C ARG C 3 4.15 9.63 -12.05
N LEU C 4 4.92 9.89 -11.00
CA LEU C 4 4.75 11.04 -10.13
C LEU C 4 5.95 11.96 -10.27
N VAL C 5 5.70 13.26 -10.27
CA VAL C 5 6.75 14.27 -10.41
C VAL C 5 6.63 15.24 -9.25
N GLU C 6 7.68 15.34 -8.45
CA GLU C 6 7.71 16.28 -7.34
C GLU C 6 8.26 17.62 -7.82
N SER C 7 7.84 18.69 -7.14
CA SER C 7 8.31 20.02 -7.46
C SER C 7 8.23 20.88 -6.20
N GLY C 8 8.97 21.98 -6.21
CA GLY C 8 8.99 22.91 -5.11
C GLY C 8 10.18 22.79 -4.18
N GLY C 9 11.13 21.91 -4.48
CA GLY C 9 12.30 21.77 -3.63
C GLY C 9 13.36 22.82 -3.91
N GLY C 10 14.38 22.82 -3.06
CA GLY C 10 15.47 23.76 -3.21
C GLY C 10 15.99 24.30 -1.90
N CYS C 11 17.02 25.14 -1.96
CA CYS C 11 17.63 25.67 -0.75
C CYS C 11 16.70 26.68 -0.08
N VAL C 12 16.49 26.50 1.22
CA VAL C 12 15.68 27.42 2.01
C VAL C 12 16.44 27.77 3.28
N ARG C 13 16.13 28.93 3.83
CA ARG C 13 16.75 29.34 5.08
C ARG C 13 16.26 28.46 6.22
N PRO C 14 17.07 28.28 7.27
CA PRO C 14 16.60 27.53 8.43
C PRO C 14 15.42 28.22 9.10
N GLY C 15 14.25 27.60 9.05
CA GLY C 15 13.02 28.23 9.48
C GLY C 15 12.12 28.69 8.35
N GLY C 16 12.44 28.36 7.11
CA GLY C 16 11.62 28.73 5.97
C GLY C 16 10.47 27.76 5.78
N SER C 17 9.88 27.81 4.59
CA SER C 17 8.72 27.00 4.28
C SER C 17 8.77 26.55 2.83
N LEU C 18 8.17 25.38 2.57
CA LEU C 18 8.06 24.85 1.22
C LEU C 18 6.75 24.10 1.09
N ARG C 19 6.29 23.99 -0.15
CA ARG C 19 5.10 23.20 -0.49
C ARG C 19 5.47 22.33 -1.68
N LEU C 20 5.76 21.07 -1.43
CA LEU C 20 6.20 20.16 -2.48
C LEU C 20 4.98 19.67 -3.24
N SER C 21 4.74 20.22 -4.42
CA SER C 21 3.70 19.69 -5.28
C SER C 21 4.11 18.32 -5.81
N CYS C 22 3.11 17.49 -6.13
CA CYS C 22 3.35 16.13 -6.60
C CYS C 22 2.33 15.81 -7.70
N ALA C 23 2.71 16.07 -8.95
CA ALA C 23 1.83 15.83 -10.08
C ALA C 23 1.87 14.35 -10.47
N GLY C 24 0.75 13.66 -10.32
CA GLY C 24 0.65 12.26 -10.69
C GLY C 24 -0.04 12.10 -12.04
N SER C 25 0.41 11.11 -12.81
CA SER C 25 -0.15 10.85 -14.12
C SER C 25 -0.07 9.36 -14.41
N GLY C 26 -0.85 8.92 -15.39
CA GLY C 26 -0.89 7.53 -15.75
C GLY C 26 -1.73 6.65 -14.85
N PHE C 27 -2.35 7.24 -13.83
CA PHE C 27 -3.21 6.49 -12.93
C PHE C 27 -4.33 7.40 -12.44
N ARG C 28 -5.38 6.79 -11.92
CA ARG C 28 -6.51 7.55 -11.38
C ARG C 28 -6.09 8.18 -10.07
N PHE C 29 -5.65 9.44 -10.14
CA PHE C 29 -5.15 10.14 -8.97
C PHE C 29 -6.20 10.31 -7.89
N THR C 30 -7.48 10.26 -8.26
CA THR C 30 -8.57 10.43 -7.30
C THR C 30 -8.78 9.20 -6.44
N GLY C 31 -8.26 8.04 -6.84
CA GLY C 31 -8.57 6.82 -6.14
C GLY C 31 -7.49 6.30 -5.21
N TYR C 32 -6.33 6.94 -5.19
CA TYR C 32 -5.19 6.46 -4.41
C TYR C 32 -4.64 7.57 -3.53
N GLY C 33 -4.32 7.21 -2.29
CA GLY C 33 -3.72 8.16 -1.38
C GLY C 33 -2.24 8.34 -1.65
N ILE C 34 -1.74 9.53 -1.35
CA ILE C 34 -0.36 9.91 -1.64
C ILE C 34 0.43 9.93 -0.35
N HIS C 35 1.52 9.18 -0.32
CA HIS C 35 2.46 9.23 0.78
C HIS C 35 3.45 10.37 0.57
N TRP C 36 4.26 10.61 1.59
CA TRP C 36 5.37 11.56 1.48
C TRP C 36 6.48 11.03 2.37
N VAL C 37 7.62 10.73 1.76
CA VAL C 37 8.76 10.11 2.42
C VAL C 37 9.95 11.04 2.23
N ARG C 38 10.92 10.96 3.13
CA ARG C 38 12.16 11.68 2.96
C ARG C 38 13.33 10.75 3.28
N GLN C 39 14.42 10.95 2.56
CA GLN C 39 15.64 10.19 2.77
C GLN C 39 16.78 11.16 3.00
N ALA C 40 17.43 11.07 4.16
CA ALA C 40 18.53 11.95 4.47
C ALA C 40 19.69 11.69 3.51
N PRO C 41 20.58 12.68 3.32
CA PRO C 41 21.65 12.49 2.34
C PRO C 41 22.66 11.45 2.77
N GLY C 42 22.31 10.18 2.58
CA GLY C 42 23.16 9.06 2.98
C GLY C 42 22.54 8.14 4.00
N LYS C 43 21.35 8.44 4.52
CA LYS C 43 20.68 7.62 5.52
C LYS C 43 19.48 6.94 4.88
N GLY C 44 18.69 6.25 5.71
CA GLY C 44 17.59 5.47 5.22
C GLY C 44 16.32 6.27 5.01
N LEU C 45 15.35 5.62 4.38
CA LEU C 45 14.05 6.23 4.13
C LEU C 45 13.36 6.55 5.44
N GLU C 46 12.67 7.68 5.48
CA GLU C 46 11.91 8.09 6.66
C GLU C 46 10.54 8.57 6.21
N TRP C 47 9.49 7.87 6.66
CA TRP C 47 8.13 8.29 6.34
C TRP C 47 7.86 9.66 6.92
N LEU C 48 7.11 10.45 6.18
CA LEU C 48 6.88 11.84 6.56
C LEU C 48 5.41 12.20 6.72
N ALA C 49 4.56 11.73 5.82
CA ALA C 49 3.13 12.04 5.91
C ALA C 49 2.38 11.13 4.94
N TYR C 50 1.06 11.18 5.03
CA TYR C 50 0.19 10.44 4.13
C TYR C 50 -1.16 11.14 4.06
N ILE C 51 -1.76 11.15 2.87
CA ILE C 51 -3.10 11.71 2.70
C ILE C 51 -3.94 10.73 1.89
N SER C 52 -5.19 10.54 2.31
CA SER C 52 -6.04 9.49 1.79
C SER C 52 -6.44 9.78 0.34
N ASN C 53 -7.25 8.88 -0.22
CA ASN C 53 -7.62 8.99 -1.63
C ASN C 53 -8.56 10.16 -1.90
N ASP C 54 -9.16 10.75 -0.89
CA ASP C 54 -9.92 11.98 -1.07
C ASP C 54 -9.42 13.13 -0.21
N GLY C 55 -8.78 12.84 0.92
CA GLY C 55 -8.27 13.89 1.78
C GLY C 55 -8.88 13.87 3.17
N SER C 56 -9.72 12.86 3.43
CA SER C 56 -10.40 12.79 4.72
C SER C 56 -9.42 12.50 5.85
N LYS C 57 -8.59 11.48 5.68
CA LYS C 57 -7.65 11.04 6.71
C LYS C 57 -6.24 11.43 6.29
N LYS C 58 -5.57 12.20 7.13
CA LYS C 58 -4.20 12.63 6.89
C LYS C 58 -3.35 12.31 8.12
N TYR C 59 -2.24 11.62 7.90
CA TYR C 59 -1.36 11.18 8.96
C TYR C 59 0.01 11.84 8.82
N HIS C 60 0.64 12.09 9.97
CA HIS C 60 1.98 12.69 10.02
C HIS C 60 2.84 11.91 10.99
N THR C 61 4.15 11.99 10.78
CA THR C 61 5.09 11.47 11.76
C THR C 61 5.12 12.39 12.98
N ASP C 62 5.69 11.87 14.07
CA ASP C 62 5.72 12.65 15.30
C ASP C 62 6.74 13.77 15.24
N SER C 63 7.81 13.59 14.48
CA SER C 63 8.83 14.62 14.36
C SER C 63 8.39 15.79 13.48
N VAL C 64 7.37 15.60 12.64
CA VAL C 64 6.89 16.65 11.76
C VAL C 64 5.47 17.08 12.08
N LYS C 65 4.80 16.43 13.03
CA LYS C 65 3.43 16.79 13.37
C LYS C 65 3.40 18.20 13.96
N GLY C 66 2.47 19.01 13.48
CA GLY C 66 2.38 20.40 13.87
C GLY C 66 3.22 21.34 13.05
N ARG C 67 4.09 20.81 12.19
CA ARG C 67 4.85 21.62 11.25
C ARG C 67 4.50 21.30 9.80
N PHE C 68 4.56 20.03 9.41
CA PHE C 68 4.19 19.64 8.07
C PHE C 68 2.69 19.43 7.98
N THR C 69 2.16 19.55 6.76
CA THR C 69 0.72 19.43 6.55
C THR C 69 0.47 18.99 5.12
N VAL C 70 -0.05 17.77 4.94
CA VAL C 70 -0.33 17.27 3.61
C VAL C 70 -1.59 17.93 3.06
N SER C 71 -1.81 17.80 1.75
CA SER C 71 -2.99 18.30 1.07
C SER C 71 -2.99 17.67 -0.31
N ARG C 72 -4.10 17.81 -1.02
CA ARG C 72 -4.12 17.33 -2.40
C ARG C 72 -5.24 18.02 -3.16
N ASP C 73 -5.16 17.91 -4.49
CA ASP C 73 -6.20 18.40 -5.40
C ASP C 73 -6.33 17.34 -6.50
N ASN C 74 -7.39 16.54 -6.40
CA ASN C 74 -7.62 15.49 -7.39
C ASN C 74 -7.98 16.05 -8.75
N ALA C 75 -8.67 17.20 -8.78
CA ALA C 75 -9.03 17.81 -10.05
C ALA C 75 -7.80 18.21 -10.85
N LYS C 76 -6.78 18.74 -10.18
CA LYS C 76 -5.53 19.08 -10.83
C LYS C 76 -4.54 17.91 -10.84
N ASN C 77 -4.89 16.79 -10.19
CA ASN C 77 -4.01 15.63 -10.09
C ASN C 77 -2.67 16.00 -9.45
N THR C 78 -2.73 16.63 -8.28
CA THR C 78 -1.53 16.99 -7.55
C THR C 78 -1.72 16.72 -6.07
N ALA C 79 -0.59 16.59 -5.36
CA ALA C 79 -0.60 16.47 -3.91
C ALA C 79 0.51 17.33 -3.35
N TYR C 80 0.20 18.06 -2.28
CA TYR C 80 1.11 19.04 -1.71
C TYR C 80 1.47 18.64 -0.29
N LEU C 81 2.61 19.14 0.17
CA LEU C 81 3.07 18.92 1.54
C LEU C 81 3.69 20.24 2.02
N GLN C 82 2.88 21.05 2.71
CA GLN C 82 3.38 22.31 3.24
C GLN C 82 4.29 22.03 4.42
N MET C 83 5.56 22.40 4.30
CA MET C 83 6.57 22.15 5.33
C MET C 83 6.96 23.48 5.94
N ASN C 84 6.41 23.78 7.11
CA ASN C 84 6.68 25.03 7.79
C ASN C 84 7.69 24.82 8.92
N SER C 85 8.40 25.90 9.26
CA SER C 85 9.45 25.87 10.28
C SER C 85 10.47 24.77 10.01
N LEU C 86 11.06 24.85 8.81
CA LEU C 86 12.03 23.84 8.40
C LEU C 86 13.34 24.00 9.14
N ARG C 87 13.85 22.91 9.69
CA ARG C 87 15.05 22.92 10.52
C ARG C 87 16.29 22.54 9.70
N VAL C 88 17.44 22.63 10.34
CA VAL C 88 18.71 22.38 9.64
C VAL C 88 18.81 20.92 9.24
N GLU C 89 18.45 19.99 10.13
CA GLU C 89 18.53 18.57 9.82
C GLU C 89 17.39 18.08 8.94
N GLU C 90 16.62 18.99 8.36
CA GLU C 90 15.50 18.65 7.49
C GLU C 90 15.92 18.46 6.04
N THR C 91 17.18 18.75 5.70
CA THR C 91 17.63 18.60 4.32
C THR C 91 17.68 17.12 3.95
N ALA C 92 17.06 16.77 2.83
CA ALA C 92 16.90 15.37 2.45
C ALA C 92 16.45 15.35 0.98
N VAL C 93 16.05 14.16 0.54
CA VAL C 93 15.40 13.98 -0.75
C VAL C 93 13.98 13.51 -0.46
N TYR C 94 12.99 14.29 -0.89
CA TYR C 94 11.60 14.04 -0.56
C TYR C 94 10.91 13.39 -1.75
N PHE C 95 10.29 12.24 -1.51
CA PHE C 95 9.56 11.49 -2.50
C PHE C 95 8.07 11.56 -2.18
N CYS C 96 7.24 11.62 -3.21
CA CYS C 96 5.82 11.35 -3.07
C CYS C 96 5.52 10.03 -3.78
N ALA C 97 4.91 9.10 -3.06
CA ALA C 97 4.62 7.79 -3.59
C ALA C 97 3.15 7.49 -3.41
N LYS C 98 2.50 7.07 -4.49
CA LYS C 98 1.09 6.74 -4.40
C LYS C 98 0.89 5.43 -3.66
N ASP C 99 -0.19 5.35 -2.88
CA ASP C 99 -0.53 4.10 -2.24
C ASP C 99 -1.03 3.11 -3.28
N GLY C 100 -0.90 1.83 -2.95
CA GLY C 100 -1.27 0.81 -3.92
C GLY C 100 -2.69 0.32 -3.86
N TYR C 101 -3.52 0.90 -3.00
CA TYR C 101 -4.86 0.39 -2.75
C TYR C 101 -5.89 1.49 -2.95
N LEU C 102 -7.03 1.12 -3.55
CA LEU C 102 -8.08 2.08 -3.82
C LEU C 102 -8.79 2.50 -2.54
N SER C 103 -8.90 3.81 -2.33
CA SER C 103 -9.77 4.37 -1.32
C SER C 103 -9.49 3.80 0.07
N ALA C 104 -8.21 3.63 0.39
CA ALA C 104 -7.81 3.11 1.69
C ALA C 104 -7.65 4.24 2.68
N ALA C 105 -8.13 4.02 3.90
CA ALA C 105 -7.96 5.02 4.95
C ALA C 105 -6.54 5.06 5.47
N ARG C 106 -5.81 3.95 5.37
CA ARG C 106 -4.44 3.84 5.81
C ARG C 106 -3.54 3.50 4.63
N GLY C 107 -2.36 4.10 4.59
CA GLY C 107 -1.42 3.84 3.53
C GLY C 107 -0.58 2.60 3.80
N TYR C 108 -1.17 1.42 3.58
CA TYR C 108 -0.47 0.18 3.92
C TYR C 108 0.80 -0.03 3.12
N GLY C 109 0.94 0.62 1.97
CA GLY C 109 2.17 0.47 1.21
C GLY C 109 2.16 1.12 -0.15
N MET C 110 3.25 1.79 -0.50
CA MET C 110 3.34 2.51 -1.76
C MET C 110 3.39 1.56 -2.94
N ASP C 111 3.03 2.08 -4.11
CA ASP C 111 3.11 1.33 -5.36
C ASP C 111 4.06 1.98 -6.35
N VAL C 112 3.87 3.26 -6.64
CA VAL C 112 4.70 4.00 -7.58
C VAL C 112 5.30 5.18 -6.84
N TRP C 113 6.63 5.29 -6.85
CA TRP C 113 7.35 6.34 -6.16
C TRP C 113 7.59 7.52 -7.09
N GLY C 114 7.72 8.69 -6.50
CA GLY C 114 8.10 9.86 -7.26
C GLY C 114 9.58 9.87 -7.55
N GLN C 115 9.98 10.82 -8.40
CA GLN C 115 11.39 10.94 -8.76
C GLN C 115 12.24 11.31 -7.54
N GLY C 116 11.70 12.15 -6.67
CA GLY C 116 12.44 12.60 -5.50
C GLY C 116 13.10 13.94 -5.70
N ILE C 117 12.63 14.96 -4.99
CA ILE C 117 13.13 16.32 -5.13
C ILE C 117 14.06 16.61 -3.96
N CYS C 118 15.24 17.15 -4.25
CA CYS C 118 16.24 17.38 -3.22
C CYS C 118 15.98 18.71 -2.54
N VAL C 119 15.68 18.68 -1.24
CA VAL C 119 15.45 19.87 -0.45
C VAL C 119 16.67 20.08 0.44
N THR C 120 17.29 21.24 0.30
CA THR C 120 18.41 21.65 1.13
C THR C 120 17.98 22.83 1.99
N VAL C 121 18.47 22.88 3.22
CA VAL C 121 18.17 23.97 4.13
C VAL C 121 19.47 24.38 4.82
N SER C 122 19.94 25.59 4.53
CA SER C 122 21.21 26.09 5.04
C SER C 122 21.33 27.58 4.79
N PRO C 123 21.99 28.34 5.68
CA PRO C 123 22.22 29.77 5.49
C PRO C 123 23.01 30.09 4.23
N TYR D 2 7.22 1.98 17.08
CA TYR D 2 7.31 0.65 16.48
C TYR D 2 8.60 0.49 15.70
N VAL D 3 9.63 0.00 16.36
CA VAL D 3 10.95 -0.17 15.74
C VAL D 3 10.91 -1.40 14.83
N LEU D 4 11.42 -1.24 13.62
CA LEU D 4 11.50 -2.31 12.62
C LEU D 4 12.98 -2.60 12.38
N THR D 5 13.54 -3.50 13.20
CA THR D 5 14.94 -3.83 13.08
C THR D 5 15.21 -4.55 11.77
N GLN D 6 16.34 -4.23 11.14
CA GLN D 6 16.72 -4.77 9.84
C GLN D 6 18.23 -4.73 9.77
N PRO D 7 18.88 -5.80 9.30
CA PRO D 7 20.34 -5.87 9.33
C PRO D 7 20.96 -4.74 8.54
N PRO D 8 22.04 -4.14 9.03
CA PRO D 8 22.65 -3.01 8.32
C PRO D 8 23.19 -3.36 6.95
N SER D 9 23.66 -4.59 6.74
CA SER D 9 24.27 -4.93 5.46
C SER D 9 24.20 -6.44 5.26
N VAL D 10 24.13 -6.84 3.99
CA VAL D 10 24.18 -8.24 3.58
C VAL D 10 25.09 -8.35 2.37
N SER D 11 26.03 -9.28 2.41
CA SER D 11 26.98 -9.51 1.32
C SER D 11 26.80 -10.91 0.78
N VAL D 12 26.71 -11.03 -0.54
CA VAL D 12 26.54 -12.31 -1.22
C VAL D 12 27.49 -12.36 -2.41
N ALA D 13 27.37 -13.42 -3.19
CA ALA D 13 28.18 -13.64 -4.38
C ALA D 13 27.26 -13.85 -5.59
N PRO D 14 27.73 -13.53 -6.79
CA PRO D 14 26.87 -13.69 -7.97
C PRO D 14 26.52 -15.14 -8.23
N GLY D 15 25.24 -15.49 -8.05
CA GLY D 15 24.76 -16.85 -8.16
C GLY D 15 24.15 -17.38 -6.88
N GLN D 16 24.64 -16.92 -5.73
CA GLN D 16 24.10 -17.34 -4.45
C GLN D 16 22.78 -16.61 -4.19
N THR D 17 22.26 -16.72 -2.97
CA THR D 17 21.01 -16.10 -2.61
C THR D 17 21.20 -15.20 -1.39
N ALA D 18 20.33 -14.19 -1.28
CA ALA D 18 20.39 -13.22 -0.19
C ALA D 18 19.07 -13.25 0.56
N THR D 19 19.15 -13.07 1.88
CA THR D 19 17.96 -13.07 2.74
C THR D 19 18.03 -11.87 3.68
N ILE D 20 17.22 -10.86 3.40
CA ILE D 20 17.15 -9.65 4.21
C ILE D 20 15.96 -9.81 5.15
N THR D 21 16.22 -9.95 6.44
CA THR D 21 15.19 -10.28 7.41
C THR D 21 14.95 -9.08 8.32
N CYS D 22 13.81 -8.42 8.12
CA CYS D 22 13.40 -7.29 8.96
C CYS D 22 12.38 -7.80 9.96
N GLY D 23 12.53 -7.40 11.23
CA GLY D 23 11.70 -7.99 12.26
C GLY D 23 11.12 -7.02 13.27
N GLY D 24 9.80 -7.07 13.45
CA GLY D 24 9.11 -6.30 14.45
C GLY D 24 8.51 -7.17 15.52
N ASN D 25 7.90 -6.52 16.51
CA ASN D 25 7.30 -7.25 17.62
C ASN D 25 6.16 -8.14 17.14
N ASN D 26 5.33 -7.64 16.24
CA ASN D 26 4.14 -8.33 15.75
C ASN D 26 4.09 -8.25 14.23
N ILE D 27 5.22 -8.51 13.58
CA ILE D 27 5.32 -8.34 12.14
C ILE D 27 4.48 -9.36 11.38
N GLY D 28 4.04 -10.42 12.05
CA GLY D 28 3.19 -11.39 11.38
C GLY D 28 1.78 -10.89 11.13
N GLY D 29 1.33 -9.90 11.87
CA GLY D 29 0.00 -9.36 11.70
C GLY D 29 -0.04 -8.07 10.91
N LYS D 30 1.02 -7.79 10.16
CA LYS D 30 1.13 -6.56 9.40
C LYS D 30 1.51 -6.87 7.97
N SER D 31 1.15 -5.96 7.07
CA SER D 31 1.44 -6.10 5.65
C SER D 31 2.83 -5.53 5.38
N VAL D 32 3.81 -6.42 5.27
CA VAL D 32 5.20 -6.01 5.02
C VAL D 32 5.38 -5.78 3.52
N HIS D 33 5.80 -4.58 3.16
CA HIS D 33 6.18 -4.26 1.79
C HIS D 33 7.69 -4.08 1.72
N TRP D 34 8.28 -4.59 0.65
CA TRP D 34 9.72 -4.51 0.44
C TRP D 34 10.00 -3.66 -0.78
N PHE D 35 10.82 -2.63 -0.59
CA PHE D 35 11.22 -1.71 -1.64
C PHE D 35 12.72 -1.84 -1.92
N GLN D 36 13.09 -1.64 -3.18
CA GLN D 36 14.48 -1.69 -3.61
C GLN D 36 14.90 -0.32 -4.12
N GLN D 37 15.99 0.20 -3.58
CA GLN D 37 16.48 1.52 -3.97
C GLN D 37 17.96 1.44 -4.31
N LYS D 38 18.27 1.51 -5.60
CA LYS D 38 19.66 1.58 -6.02
C LYS D 38 20.21 2.97 -5.75
N CYS D 39 21.53 3.09 -5.84
CA CYS D 39 22.17 4.38 -5.55
C CYS D 39 21.67 5.44 -6.50
N GLY D 40 21.28 6.59 -5.96
CA GLY D 40 20.80 7.69 -6.78
C GLY D 40 19.58 7.37 -7.60
N GLN D 41 18.64 6.60 -7.06
CA GLN D 41 17.41 6.26 -7.76
C GLN D 41 16.27 6.19 -6.77
N ALA D 42 15.05 6.33 -7.28
CA ALA D 42 13.86 6.21 -6.45
C ALA D 42 13.64 4.76 -6.06
N PRO D 43 13.13 4.52 -4.85
CA PRO D 43 12.86 3.14 -4.43
C PRO D 43 11.82 2.49 -5.33
N LEU D 44 11.95 1.18 -5.49
CA LEU D 44 11.10 0.39 -6.38
C LEU D 44 10.42 -0.69 -5.56
N LEU D 45 9.10 -0.72 -5.59
CA LEU D 45 8.35 -1.74 -4.88
C LEU D 45 8.64 -3.10 -5.49
N ILE D 46 9.18 -4.02 -4.70
CA ILE D 46 9.45 -5.36 -5.18
C ILE D 46 8.62 -6.43 -4.48
N ILE D 47 8.10 -6.18 -3.29
CA ILE D 47 7.22 -7.14 -2.61
C ILE D 47 6.08 -6.39 -1.94
N SER D 48 4.86 -6.89 -2.11
CA SER D 48 3.68 -6.32 -1.48
C SER D 48 2.86 -7.43 -0.83
N ASP D 49 2.11 -7.08 0.21
CA ASP D 49 1.30 -8.03 0.97
C ASP D 49 2.15 -9.19 1.51
N ASP D 50 3.44 -8.92 1.71
CA ASP D 50 4.47 -9.83 2.22
C ASP D 50 4.88 -10.88 1.21
N ASN D 51 4.11 -11.07 0.14
CA ASN D 51 4.55 -12.00 -0.90
C ASN D 51 4.20 -11.60 -2.33
N ASP D 52 3.29 -10.66 -2.55
CA ASP D 52 2.77 -10.39 -3.89
C ASP D 52 3.81 -9.64 -4.69
N ARG D 53 4.46 -10.33 -5.61
CA ARG D 53 5.50 -9.73 -6.44
C ARG D 53 4.86 -8.92 -7.56
N PRO D 54 5.19 -7.64 -7.72
CA PRO D 54 4.57 -6.83 -8.77
C PRO D 54 4.95 -7.26 -10.18
N SER D 55 4.48 -6.52 -11.17
CA SER D 55 4.74 -6.84 -12.56
C SER D 55 6.11 -6.31 -12.98
N GLY D 56 6.91 -7.16 -13.60
CA GLY D 56 8.23 -6.79 -14.04
C GLY D 56 9.35 -7.10 -13.05
N ILE D 57 9.01 -7.28 -11.78
CA ILE D 57 10.00 -7.68 -10.79
C ILE D 57 10.42 -9.12 -11.08
N PRO D 58 11.71 -9.43 -11.09
CA PRO D 58 12.14 -10.80 -11.39
C PRO D 58 11.56 -11.80 -10.41
N GLU D 59 11.17 -12.97 -10.92
CA GLU D 59 10.53 -13.98 -10.10
C GLU D 59 11.47 -14.58 -9.07
N ARG D 60 12.77 -14.30 -9.16
CA ARG D 60 13.72 -14.72 -8.13
C ARG D 60 13.41 -14.08 -6.78
N VAL D 61 12.72 -12.95 -6.77
CA VAL D 61 12.42 -12.23 -5.54
C VAL D 61 11.18 -12.84 -4.89
N SER D 62 11.29 -13.19 -3.61
CA SER D 62 10.16 -13.77 -2.89
C SER D 62 10.19 -13.29 -1.44
N GLY D 63 9.10 -12.67 -1.01
CA GLY D 63 9.00 -12.23 0.36
C GLY D 63 8.42 -13.30 1.27
N SER D 64 8.43 -13.02 2.56
CA SER D 64 7.85 -13.91 3.56
C SER D 64 7.49 -13.09 4.79
N ASN D 65 6.64 -13.67 5.64
CA ASN D 65 6.22 -12.98 6.85
C ASN D 65 5.63 -14.02 7.78
N SER D 66 6.18 -14.11 9.00
CA SER D 66 5.66 -15.05 10.00
C SER D 66 6.23 -14.73 11.37
N GLY D 67 5.37 -14.63 12.37
CA GLY D 67 5.85 -14.42 13.72
C GLY D 67 6.48 -13.06 13.88
N ASN D 68 7.70 -13.03 14.42
CA ASN D 68 8.38 -11.79 14.75
C ASN D 68 9.32 -11.31 13.66
N THR D 69 9.38 -12.00 12.52
CA THR D 69 10.32 -11.61 11.48
C THR D 69 9.70 -11.86 10.11
N ALA D 70 10.05 -10.99 9.16
CA ALA D 70 9.64 -11.09 7.77
C ALA D 70 10.87 -10.97 6.89
N THR D 71 11.05 -11.91 5.96
CA THR D 71 12.27 -11.98 5.18
C THR D 71 11.98 -11.78 3.70
N LEU D 72 12.97 -11.22 3.01
CA LEU D 72 12.97 -11.06 1.56
C LEU D 72 14.13 -11.87 1.01
N THR D 73 13.84 -12.82 0.14
CA THR D 73 14.84 -13.72 -0.41
C THR D 73 15.01 -13.43 -1.89
N ILE D 74 16.24 -13.15 -2.31
CA ILE D 74 16.59 -12.94 -3.71
C ILE D 74 17.50 -14.09 -4.10
N SER D 75 17.02 -14.95 -4.99
CA SER D 75 17.75 -16.14 -5.38
C SER D 75 18.53 -15.89 -6.66
N ARG D 76 19.76 -16.40 -6.72
CA ARG D 76 20.64 -16.22 -7.87
C ARG D 76 20.83 -14.75 -8.19
N VAL D 77 21.44 -14.04 -7.24
CA VAL D 77 21.57 -12.59 -7.32
C VAL D 77 22.56 -12.22 -8.42
N GLU D 78 22.14 -11.29 -9.28
CA GLU D 78 23.04 -10.69 -10.25
C GLU D 78 23.82 -9.55 -9.60
N CYS D 79 24.87 -9.10 -10.29
CA CYS D 79 25.60 -7.94 -9.81
C CYS D 79 24.78 -6.67 -9.87
N GLY D 80 23.66 -6.68 -10.58
CA GLY D 80 22.73 -5.56 -10.64
C GLY D 80 21.69 -5.53 -9.55
N ASP D 81 21.78 -6.42 -8.56
CA ASP D 81 20.88 -6.42 -7.43
C ASP D 81 21.40 -5.59 -6.26
N GLU D 82 22.58 -4.98 -6.38
CA GLU D 82 23.10 -4.14 -5.32
C GLU D 82 22.18 -2.93 -5.12
N ALA D 83 21.60 -2.82 -3.95
CA ALA D 83 20.69 -1.73 -3.62
C ALA D 83 20.47 -1.74 -2.12
N ASP D 84 19.60 -0.85 -1.65
CA ASP D 84 19.11 -0.88 -0.28
C ASP D 84 17.67 -1.37 -0.29
N TYR D 85 17.40 -2.38 0.52
CA TYR D 85 16.07 -2.98 0.58
C TYR D 85 15.41 -2.58 1.89
N TYR D 86 14.23 -1.99 1.79
CA TYR D 86 13.55 -1.38 2.91
C TYR D 86 12.25 -2.11 3.20
N CYS D 87 12.07 -2.50 4.46
CA CYS D 87 10.78 -2.94 4.97
C CYS D 87 9.85 -1.75 5.13
N GLN D 88 8.55 -2.02 5.08
CA GLN D 88 7.58 -0.96 5.31
C GLN D 88 6.28 -1.58 5.80
N VAL D 89 5.80 -1.11 6.95
CA VAL D 89 4.55 -1.59 7.53
C VAL D 89 3.76 -0.43 8.09
N TRP D 90 2.44 -0.51 7.99
CA TRP D 90 1.57 0.51 8.58
C TRP D 90 1.24 0.06 10.01
N ASP D 91 1.91 0.66 10.99
CA ASP D 91 1.58 0.43 12.39
C ASP D 91 0.21 1.04 12.68
N THR D 92 -0.79 0.17 12.87
CA THR D 92 -2.15 0.62 13.13
C THR D 92 -2.38 1.05 14.57
N THR D 93 -1.50 0.64 15.49
CA THR D 93 -1.66 1.07 16.88
C THR D 93 -1.48 2.57 17.02
N SER D 94 -0.50 3.13 16.31
CA SER D 94 -0.29 4.58 16.30
C SER D 94 -0.61 5.20 14.96
N ASP D 95 -1.02 4.41 13.97
CA ASP D 95 -1.38 4.89 12.63
C ASP D 95 -0.22 5.66 12.00
N GLN D 96 0.90 4.96 11.84
CA GLN D 96 2.09 5.53 11.23
C GLN D 96 2.78 4.49 10.37
N LEU D 97 3.27 4.89 9.22
CA LEU D 97 4.03 4.00 8.37
C LEU D 97 5.48 3.98 8.84
N VAL D 98 6.06 2.79 8.93
CA VAL D 98 7.39 2.58 9.47
C VAL D 98 8.23 1.86 8.44
N PHE D 99 9.40 2.41 8.15
CA PHE D 99 10.41 1.78 7.31
C PHE D 99 11.46 1.10 8.17
N GLY D 100 12.17 0.15 7.57
CA GLY D 100 13.30 -0.46 8.21
C GLY D 100 14.56 0.37 8.05
N GLY D 101 15.64 -0.13 8.64
CA GLY D 101 16.91 0.56 8.53
C GLY D 101 17.60 0.42 7.20
N GLY D 102 17.11 -0.47 6.34
CA GLY D 102 17.72 -0.66 5.03
C GLY D 102 18.92 -1.58 5.09
N THR D 103 18.98 -2.55 4.18
CA THR D 103 20.06 -3.53 4.12
C THR D 103 20.79 -3.38 2.80
N MET D 104 22.01 -2.84 2.85
CA MET D 104 22.80 -2.62 1.65
C MET D 104 23.30 -3.97 1.14
N LEU D 105 22.64 -4.49 0.12
CA LEU D 105 23.09 -5.75 -0.49
C LEU D 105 24.38 -5.54 -1.25
N THR D 106 25.30 -6.50 -1.11
CA THR D 106 26.57 -6.48 -1.82
C THR D 106 26.73 -7.80 -2.55
N VAL D 107 26.95 -7.74 -3.86
CA VAL D 107 26.97 -8.92 -4.70
C VAL D 107 28.35 -9.18 -5.30
N LEU D 108 29.39 -8.64 -4.68
CA LEU D 108 30.78 -8.91 -5.06
C LEU D 108 31.04 -8.77 -6.57
#